data_4YQA
#
_entry.id   4YQA
#
_cell.length_a   94.606
_cell.length_b   94.606
_cell.length_c   178.190
_cell.angle_alpha   90.000
_cell.angle_beta   90.000
_cell.angle_gamma   120.000
#
_symmetry.space_group_name_H-M   'H 3 2'
#
loop_
_entity.id
_entity.type
_entity.pdbx_description
1 polymer 'tRNA (guanine-N(1)-)-methyltransferase'
2 non-polymer 6-[(cyclopentylmethyl)amino]pyridine-3-carboxamide
3 water water
#
_entity_poly.entity_id   1
_entity_poly.type   'polypeptide(L)'
_entity_poly.pdbx_seq_one_letter_code
;GLVPRGSHMWIGVISLFPEMFKAITEFGVTGRAVKHNLLKVECWNPRDFTFDKHKTVDDRPYGGGPGMLMMVQPLRDAIH
TAKAAAGEGAKVIYLSPQGRKLDQGGVTELAQNQKLILVCGRYEGIDERLIQTEIDEEWSIGDYVLTGGELPAMTLIDAV
ARFIPGVLGKQASAEEDSFADGLLDCPHYTRPEVLEGLTVPPVLMSGHHEEIRKWRLKQSLQRTWLRRPELLEGLALTDE
QRKLLKEAQAEHNS
;
_entity_poly.pdbx_strand_id   A
#
loop_
_chem_comp.id
_chem_comp.type
_chem_comp.name
_chem_comp.formula
4GN non-polymer 6-[(cyclopentylmethyl)amino]pyridine-3-carboxamide 'C12 H17 N3 O'
#
# COMPACT_ATOMS: atom_id res chain seq x y z
N SER A 7 12.16 -5.64 14.64
CA SER A 7 10.84 -5.04 14.41
C SER A 7 10.08 -5.76 13.31
N HIS A 8 10.24 -7.08 13.23
CA HIS A 8 9.59 -7.85 12.19
C HIS A 8 8.08 -7.74 12.31
N MET A 9 7.41 -8.07 11.23
CA MET A 9 5.98 -7.86 11.14
C MET A 9 5.33 -9.13 10.69
N TRP A 10 4.18 -9.45 11.30
CA TRP A 10 3.39 -10.60 10.91
C TRP A 10 2.09 -10.13 10.33
N ILE A 11 1.74 -10.65 9.16
CA ILE A 11 0.49 -10.29 8.52
C ILE A 11 -0.29 -11.55 8.20
N GLY A 12 -1.47 -11.69 8.81
CA GLY A 12 -2.37 -12.77 8.47
C GLY A 12 -3.30 -12.29 7.37
N VAL A 13 -3.63 -13.14 6.43
CA VAL A 13 -4.48 -12.81 5.30
CA VAL A 13 -4.61 -12.70 5.44
C VAL A 13 -5.65 -13.78 5.21
N ILE A 14 -6.85 -13.29 4.96
CA ILE A 14 -8.00 -14.15 4.71
C ILE A 14 -8.37 -13.95 3.25
N SER A 15 -8.25 -15.00 2.45
CA SER A 15 -8.43 -14.87 1.00
C SER A 15 -8.86 -16.19 0.37
N LEU A 16 -9.80 -16.10 -0.58
CA LEU A 16 -10.18 -17.25 -1.42
C LEU A 16 -9.11 -17.61 -2.43
N PHE A 17 -8.14 -16.72 -2.61
CA PHE A 17 -7.07 -16.95 -3.59
C PHE A 17 -5.69 -16.67 -3.00
N PRO A 18 -5.30 -17.46 -2.00
CA PRO A 18 -4.05 -17.19 -1.29
C PRO A 18 -2.82 -17.25 -2.19
N GLU A 19 -2.89 -18.01 -3.29
CA GLU A 19 -1.73 -18.08 -4.18
C GLU A 19 -1.40 -16.76 -4.84
N MET A 20 -2.36 -15.83 -4.88
CA MET A 20 -2.06 -14.50 -5.37
C MET A 20 -0.92 -13.83 -4.61
N PHE A 21 -0.80 -14.15 -3.32
CA PHE A 21 0.17 -13.49 -2.49
C PHE A 21 1.61 -13.90 -2.77
N LYS A 22 1.80 -14.94 -3.57
CA LYS A 22 3.14 -15.25 -4.07
C LYS A 22 3.75 -14.06 -4.78
N ALA A 23 2.92 -13.20 -5.35
CA ALA A 23 3.42 -12.03 -6.07
C ALA A 23 4.29 -11.18 -5.16
N ILE A 24 3.95 -11.11 -3.87
CA ILE A 24 4.82 -10.32 -3.00
C ILE A 24 5.75 -11.21 -2.16
N THR A 25 5.39 -12.45 -1.88
CA THR A 25 6.25 -13.26 -1.00
C THR A 25 7.40 -13.96 -1.72
N GLU A 26 7.35 -14.03 -3.06
CA GLU A 26 8.38 -14.75 -3.80
C GLU A 26 9.29 -13.88 -4.65
N PHE A 27 9.04 -12.57 -4.70
CA PHE A 27 9.75 -11.71 -5.64
C PHE A 27 10.23 -10.39 -5.08
N GLY A 28 11.40 -9.95 -5.50
CA GLY A 28 11.89 -8.62 -5.20
C GLY A 28 12.17 -8.38 -3.73
N VAL A 29 12.14 -7.11 -3.35
CA VAL A 29 12.45 -6.66 -1.99
C VAL A 29 11.54 -7.32 -0.96
N THR A 30 10.25 -7.45 -1.26
CA THR A 30 9.34 -8.09 -0.31
C THR A 30 9.61 -9.59 -0.21
N GLY A 31 9.99 -10.22 -1.33
CA GLY A 31 10.36 -11.62 -1.31
C GLY A 31 11.58 -11.86 -0.42
N ARG A 32 12.54 -10.94 -0.49
CA ARG A 32 13.71 -11.02 0.36
CA ARG A 32 13.71 -11.01 0.37
C ARG A 32 13.32 -10.85 1.82
N ALA A 33 12.42 -9.92 2.09
CA ALA A 33 11.95 -9.67 3.46
C ALA A 33 11.36 -10.95 4.04
N VAL A 34 10.62 -11.69 3.22
CA VAL A 34 9.99 -12.93 3.68
C VAL A 34 11.05 -13.99 3.93
N LYS A 35 11.96 -14.18 2.98
CA LYS A 35 13.02 -15.18 3.12
CA LYS A 35 12.99 -15.21 3.15
C LYS A 35 13.85 -14.92 4.37
N HIS A 36 14.10 -13.64 4.66
CA HIS A 36 14.95 -13.26 5.78
C HIS A 36 14.21 -13.14 7.11
N ASN A 37 12.92 -13.52 7.11
CA ASN A 37 12.09 -13.52 8.32
C ASN A 37 11.84 -12.12 8.89
N LEU A 38 11.92 -11.10 8.05
CA LEU A 38 11.59 -9.74 8.46
C LEU A 38 10.09 -9.52 8.37
N LEU A 39 9.48 -10.29 7.47
CA LEU A 39 8.06 -10.20 7.18
C LEU A 39 7.50 -11.61 7.08
N LYS A 40 6.42 -11.90 7.79
CA LYS A 40 5.76 -13.18 7.62
C LYS A 40 4.34 -12.94 7.15
N VAL A 41 3.93 -13.65 6.10
CA VAL A 41 2.58 -13.56 5.58
C VAL A 41 1.96 -14.93 5.65
N GLU A 42 0.86 -15.04 6.39
CA GLU A 42 0.23 -16.32 6.64
C GLU A 42 -1.20 -16.23 6.14
N CYS A 43 -1.62 -17.18 5.29
CA CYS A 43 -2.95 -17.10 4.68
C CYS A 43 -3.91 -18.18 5.17
N TRP A 44 -5.16 -17.78 5.32
CA TRP A 44 -6.26 -18.72 5.54
C TRP A 44 -7.32 -18.53 4.47
N ASN A 45 -7.82 -19.64 3.95
CA ASN A 45 -8.79 -19.63 2.85
C ASN A 45 -10.16 -20.08 3.39
N PRO A 46 -11.18 -19.20 3.30
CA PRO A 46 -12.53 -19.62 3.71
C PRO A 46 -12.99 -20.95 3.10
N ARG A 47 -12.53 -21.31 1.91
CA ARG A 47 -12.97 -22.58 1.32
CA ARG A 47 -12.91 -22.58 1.30
C ARG A 47 -12.58 -23.76 2.21
N ASP A 48 -11.47 -23.63 2.95
CA ASP A 48 -11.05 -24.71 3.82
C ASP A 48 -11.93 -24.87 5.06
N PHE A 49 -12.79 -23.88 5.29
CA PHE A 49 -13.67 -23.88 6.46
C PHE A 49 -15.10 -24.21 6.11
N THR A 50 -15.34 -24.63 4.87
CA THR A 50 -16.66 -25.10 4.46
C THR A 50 -16.90 -26.55 4.85
N PHE A 51 -18.18 -26.95 4.91
CA PHE A 51 -18.51 -28.33 5.24
C PHE A 51 -19.39 -29.01 4.22
N ASP A 52 -19.91 -28.27 3.25
CA ASP A 52 -20.76 -28.91 2.27
C ASP A 52 -19.93 -29.52 1.14
N LYS A 53 -20.54 -30.43 0.40
CA LYS A 53 -19.83 -31.19 -0.62
C LYS A 53 -19.13 -30.30 -1.65
N HIS A 54 -19.76 -29.19 -2.01
CA HIS A 54 -19.22 -28.35 -3.06
C HIS A 54 -18.46 -27.13 -2.54
N LYS A 55 -18.18 -27.12 -1.24
CA LYS A 55 -17.30 -26.12 -0.63
C LYS A 55 -17.74 -24.69 -0.99
N THR A 56 -18.99 -24.41 -0.68
CA THR A 56 -19.66 -23.18 -1.07
C THR A 56 -19.16 -22.01 -0.25
N VAL A 57 -18.71 -20.94 -0.94
CA VAL A 57 -18.15 -19.81 -0.21
C VAL A 57 -18.86 -18.50 -0.49
N ASP A 58 -19.93 -18.55 -1.29
CA ASP A 58 -20.77 -17.38 -1.51
C ASP A 58 -22.21 -17.64 -1.06
N ASP A 59 -23.00 -16.59 -0.98
CA ASP A 59 -24.38 -16.70 -0.51
C ASP A 59 -25.19 -15.53 -1.06
N ARG A 60 -26.50 -15.68 -1.09
CA ARG A 60 -27.40 -14.69 -1.70
C ARG A 60 -27.64 -13.52 -0.76
N PRO A 61 -27.68 -12.30 -1.31
CA PRO A 61 -27.97 -11.13 -0.50
C PRO A 61 -29.44 -11.03 -0.11
N TYR A 62 -29.72 -10.73 1.15
CA TYR A 62 -31.09 -10.39 1.52
C TYR A 62 -31.49 -9.13 0.75
N GLY A 63 -32.72 -9.11 0.26
CA GLY A 63 -33.24 -7.96 -0.44
C GLY A 63 -33.09 -8.07 -1.95
N GLY A 64 -32.42 -9.13 -2.37
CA GLY A 64 -32.23 -9.37 -3.79
C GLY A 64 -31.10 -8.55 -4.36
N GLY A 65 -30.97 -8.57 -5.69
CA GLY A 65 -29.86 -7.93 -6.35
C GLY A 65 -29.15 -8.94 -7.22
N PRO A 66 -28.31 -8.46 -8.15
CA PRO A 66 -27.70 -9.34 -9.15
C PRO A 66 -26.48 -10.10 -8.63
N GLY A 67 -25.96 -9.69 -7.48
CA GLY A 67 -24.70 -10.22 -7.01
C GLY A 67 -24.80 -11.24 -5.89
N MET A 68 -23.64 -11.71 -5.45
CA MET A 68 -23.51 -12.59 -4.30
C MET A 68 -22.63 -11.95 -3.24
N LEU A 69 -22.76 -12.39 -2.02
CA LEU A 69 -21.82 -12.00 -0.96
C LEU A 69 -20.98 -13.18 -0.55
N MET A 70 -19.88 -12.91 0.14
CA MET A 70 -19.16 -14.02 0.76
CA MET A 70 -19.14 -13.95 0.86
C MET A 70 -20.07 -14.65 1.83
N MET A 71 -20.05 -15.98 1.85
CA MET A 71 -20.83 -16.72 2.84
C MET A 71 -20.27 -16.45 4.23
N VAL A 72 -21.15 -16.20 5.20
CA VAL A 72 -20.72 -15.79 6.53
C VAL A 72 -19.93 -16.88 7.29
N GLN A 73 -20.46 -18.10 7.37
CA GLN A 73 -19.84 -19.08 8.27
C GLN A 73 -18.37 -19.43 7.91
N PRO A 74 -18.06 -19.72 6.63
CA PRO A 74 -16.66 -20.05 6.31
C PRO A 74 -15.73 -18.85 6.53
N LEU A 75 -16.20 -17.66 6.20
CA LEU A 75 -15.40 -16.46 6.36
C LEU A 75 -15.17 -16.13 7.83
N ARG A 76 -16.23 -16.18 8.61
CA ARG A 76 -16.15 -15.97 10.06
C ARG A 76 -15.19 -16.95 10.72
N ASP A 77 -15.29 -18.22 10.34
CA ASP A 77 -14.42 -19.24 10.95
C ASP A 77 -12.96 -19.02 10.57
N ALA A 78 -12.71 -18.62 9.32
CA ALA A 78 -11.35 -18.32 8.89
C ALA A 78 -10.78 -17.13 9.68
N ILE A 79 -11.58 -16.09 9.84
CA ILE A 79 -11.15 -14.93 10.63
C ILE A 79 -10.81 -15.34 12.06
N HIS A 80 -11.68 -16.14 12.68
CA HIS A 80 -11.43 -16.55 14.05
C HIS A 80 -10.14 -17.36 14.19
N THR A 81 -9.86 -18.20 13.18
CA THR A 81 -8.65 -19.02 13.21
C THR A 81 -7.42 -18.13 13.09
N ALA A 82 -7.49 -17.15 12.21
CA ALA A 82 -6.39 -16.19 12.07
C ALA A 82 -6.16 -15.40 13.36
N LYS A 83 -7.25 -14.98 14.01
CA LYS A 83 -7.14 -14.23 15.26
C LYS A 83 -6.49 -15.07 16.34
N ALA A 84 -6.83 -16.36 16.39
CA ALA A 84 -6.22 -17.24 17.38
C ALA A 84 -4.72 -17.40 17.12
N ALA A 85 -4.34 -17.51 15.86
CA ALA A 85 -2.93 -17.65 15.50
C ALA A 85 -2.14 -16.39 15.83
N ALA A 86 -2.80 -15.23 15.67
CA ALA A 86 -2.12 -13.95 15.86
C ALA A 86 -1.87 -13.68 17.34
N GLY A 87 -2.78 -14.15 18.18
CA GLY A 87 -2.72 -13.86 19.59
C GLY A 87 -3.19 -12.43 19.83
N GLU A 88 -2.77 -11.86 20.95
CA GLU A 88 -3.26 -10.54 21.34
C GLU A 88 -2.57 -9.43 20.56
N GLY A 89 -3.32 -8.36 20.29
CA GLY A 89 -2.74 -7.17 19.70
C GLY A 89 -2.83 -7.04 18.19
N ALA A 90 -3.46 -8.00 17.52
CA ALA A 90 -3.57 -7.92 16.07
C ALA A 90 -4.78 -7.09 15.64
N LYS A 91 -4.53 -6.11 14.78
CA LYS A 91 -5.58 -5.28 14.21
C LYS A 91 -6.13 -5.95 12.96
N VAL A 92 -7.47 -6.08 12.87
CA VAL A 92 -8.11 -6.71 11.72
C VAL A 92 -8.63 -5.64 10.76
N ILE A 93 -8.16 -5.72 9.51
CA ILE A 93 -8.44 -4.70 8.52
C ILE A 93 -9.23 -5.30 7.37
N TYR A 94 -10.29 -4.61 6.96
CA TYR A 94 -11.03 -4.97 5.75
C TYR A 94 -10.75 -3.96 4.66
N LEU A 95 -10.34 -4.43 3.49
CA LEU A 95 -10.06 -3.55 2.37
C LEU A 95 -11.31 -3.35 1.51
N SER A 96 -11.72 -2.10 1.34
CA SER A 96 -12.87 -1.82 0.50
C SER A 96 -12.90 -0.36 0.10
N PRO A 97 -13.62 -0.03 -0.98
CA PRO A 97 -13.75 1.37 -1.36
C PRO A 97 -14.44 2.26 -0.31
N GLN A 98 -15.13 1.65 0.66
CA GLN A 98 -15.80 2.41 1.71
C GLN A 98 -14.88 2.73 2.88
N GLY A 99 -13.61 2.33 2.78
CA GLY A 99 -12.68 2.56 3.87
C GLY A 99 -11.95 3.88 3.81
N ARG A 100 -11.19 4.12 4.87
CA ARG A 100 -10.32 5.28 4.98
C ARG A 100 -9.29 5.23 3.86
N LYS A 101 -9.13 6.33 3.14
CA LYS A 101 -8.21 6.31 2.01
C LYS A 101 -6.75 6.26 2.46
N LEU A 102 -6.05 5.26 1.96
CA LEU A 102 -4.62 5.10 2.24
C LEU A 102 -3.77 6.20 1.61
N ASP A 103 -2.87 6.77 2.41
CA ASP A 103 -1.79 7.61 1.92
C ASP A 103 -0.55 7.30 2.74
N GLN A 104 0.57 7.96 2.48
CA GLN A 104 1.82 7.52 3.08
C GLN A 104 1.79 7.71 4.59
N GLY A 105 1.09 8.73 5.06
CA GLY A 105 0.88 8.92 6.49
C GLY A 105 0.12 7.75 7.09
N GLY A 106 -0.92 7.29 6.41
CA GLY A 106 -1.66 6.14 6.88
C GLY A 106 -0.81 4.88 6.85
N VAL A 107 0.07 4.78 5.85
CA VAL A 107 0.99 3.66 5.78
C VAL A 107 1.90 3.64 7.02
N THR A 108 2.43 4.81 7.38
CA THR A 108 3.32 4.91 8.53
C THR A 108 2.57 4.54 9.82
N GLU A 109 1.28 4.88 9.88
CA GLU A 109 0.45 4.53 11.03
C GLU A 109 0.26 3.03 11.12
N LEU A 110 -0.07 2.40 9.99
CA LEU A 110 -0.32 0.97 9.98
C LEU A 110 0.96 0.18 10.28
N ALA A 111 2.09 0.73 9.87
CA ALA A 111 3.39 0.08 10.07
C ALA A 111 3.82 0.03 11.53
N GLN A 112 3.10 0.74 12.40
CA GLN A 112 3.41 0.71 13.83
C GLN A 112 2.92 -0.59 14.46
N ASN A 113 2.04 -1.29 13.76
CA ASN A 113 1.51 -2.56 14.23
C ASN A 113 2.46 -3.72 13.96
N GLN A 114 2.67 -4.55 14.97
CA GLN A 114 3.52 -5.73 14.80
C GLN A 114 2.73 -6.85 14.15
N LYS A 115 1.41 -6.82 14.32
CA LYS A 115 0.53 -7.81 13.70
C LYS A 115 -0.68 -7.16 13.04
N LEU A 116 -0.99 -7.60 11.84
CA LEU A 116 -2.20 -7.20 11.13
C LEU A 116 -2.87 -8.45 10.60
N ILE A 117 -4.20 -8.41 10.50
CA ILE A 117 -4.92 -9.42 9.74
C ILE A 117 -5.71 -8.69 8.66
N LEU A 118 -5.53 -9.09 7.40
CA LEU A 118 -6.17 -8.44 6.27
C LEU A 118 -7.24 -9.33 5.69
N VAL A 119 -8.48 -8.84 5.65
CA VAL A 119 -9.59 -9.63 5.13
C VAL A 119 -9.88 -9.19 3.70
N CYS A 120 -9.78 -10.13 2.77
CA CYS A 120 -9.93 -9.85 1.34
C CYS A 120 -11.29 -10.26 0.85
N GLY A 121 -12.10 -9.27 0.51
CA GLY A 121 -13.42 -9.55 0.00
C GLY A 121 -13.43 -9.96 -1.46
N ARG A 122 -14.41 -10.77 -1.84
CA ARG A 122 -14.69 -11.10 -3.23
C ARG A 122 -16.18 -10.97 -3.44
N TYR A 123 -16.64 -11.18 -4.66
CA TYR A 123 -18.06 -11.01 -5.02
C TYR A 123 -18.50 -9.58 -4.69
N GLU A 124 -19.71 -9.39 -4.16
CA GLU A 124 -20.19 -8.04 -3.89
C GLU A 124 -19.80 -7.55 -2.50
N GLY A 125 -19.13 -8.39 -1.74
CA GLY A 125 -18.58 -7.97 -0.47
C GLY A 125 -18.91 -8.92 0.66
N ILE A 126 -18.86 -8.39 1.87
CA ILE A 126 -19.13 -9.20 3.04
C ILE A 126 -20.28 -8.62 3.85
N ASP A 127 -20.87 -9.47 4.68
CA ASP A 127 -21.99 -9.07 5.51
C ASP A 127 -21.62 -7.91 6.44
N GLU A 128 -22.45 -6.88 6.44
CA GLU A 128 -22.21 -5.70 7.24
C GLU A 128 -21.98 -6.03 8.73
N ARG A 129 -22.65 -7.07 9.22
CA ARG A 129 -22.52 -7.40 10.64
C ARG A 129 -21.15 -8.01 10.96
N LEU A 130 -20.50 -8.64 9.99
CA LEU A 130 -19.10 -9.04 10.18
C LEU A 130 -18.16 -7.86 10.29
N ILE A 131 -18.45 -6.80 9.53
CA ILE A 131 -17.65 -5.60 9.68
C ILE A 131 -17.81 -5.08 11.11
N GLN A 132 -19.05 -5.07 11.62
CA GLN A 132 -19.28 -4.62 12.97
C GLN A 132 -18.61 -5.49 14.03
N THR A 133 -18.64 -6.80 13.85
CA THR A 133 -18.22 -7.72 14.92
C THR A 133 -16.78 -8.22 14.81
N GLU A 134 -16.20 -8.18 13.61
CA GLU A 134 -14.87 -8.75 13.40
C GLU A 134 -13.81 -7.78 12.93
N ILE A 135 -14.21 -6.68 12.30
CA ILE A 135 -13.27 -5.75 11.68
C ILE A 135 -12.98 -4.56 12.59
N ASP A 136 -11.69 -4.22 12.72
CA ASP A 136 -11.32 -3.08 13.54
C ASP A 136 -11.31 -1.81 12.71
N GLU A 137 -10.76 -1.89 11.49
CA GLU A 137 -10.65 -0.74 10.59
C GLU A 137 -10.90 -1.11 9.15
N GLU A 138 -11.63 -0.26 8.44
CA GLU A 138 -11.78 -0.37 6.99
C GLU A 138 -10.86 0.63 6.29
N TRP A 139 -10.13 0.15 5.29
CA TRP A 139 -9.21 0.97 4.51
C TRP A 139 -9.42 0.77 3.02
N SER A 140 -9.23 1.84 2.26
CA SER A 140 -9.25 1.83 0.79
C SER A 140 -7.90 2.21 0.24
N ILE A 141 -7.46 1.57 -0.84
CA ILE A 141 -6.21 2.01 -1.46
C ILE A 141 -6.44 3.10 -2.53
N GLY A 142 -7.70 3.42 -2.80
CA GLY A 142 -8.01 4.48 -3.75
C GLY A 142 -9.44 4.41 -4.22
N ASP A 143 -9.91 5.50 -4.84
CA ASP A 143 -11.32 5.60 -5.22
C ASP A 143 -11.60 4.90 -6.54
N TYR A 144 -11.48 3.58 -6.52
CA TYR A 144 -11.77 2.76 -7.69
C TYR A 144 -12.15 1.39 -7.22
N VAL A 145 -12.78 0.63 -8.10
CA VAL A 145 -13.34 -0.66 -7.73
C VAL A 145 -12.58 -1.79 -8.42
N LEU A 146 -12.21 -2.79 -7.64
CA LEU A 146 -11.49 -3.97 -8.10
C LEU A 146 -12.33 -5.23 -7.93
N THR A 147 -11.88 -6.33 -8.54
CA THR A 147 -12.62 -7.58 -8.44
C THR A 147 -12.43 -8.30 -7.10
N GLY A 148 -11.46 -7.87 -6.31
CA GLY A 148 -11.21 -8.51 -5.03
C GLY A 148 -10.30 -7.66 -4.17
N GLY A 149 -10.27 -7.97 -2.87
CA GLY A 149 -9.43 -7.23 -1.96
C GLY A 149 -7.97 -7.68 -1.90
N GLU A 150 -7.61 -8.70 -2.67
CA GLU A 150 -6.24 -9.22 -2.63
C GLU A 150 -5.21 -8.20 -3.13
N LEU A 151 -5.46 -7.54 -4.26
CA LEU A 151 -4.48 -6.56 -4.72
C LEU A 151 -4.37 -5.40 -3.72
N PRO A 152 -5.49 -4.89 -3.17
CA PRO A 152 -5.35 -3.89 -2.11
C PRO A 152 -4.55 -4.39 -0.91
N ALA A 153 -4.79 -5.63 -0.49
CA ALA A 153 -4.04 -6.17 0.64
C ALA A 153 -2.55 -6.25 0.33
N MET A 154 -2.21 -6.71 -0.87
CA MET A 154 -0.80 -6.79 -1.24
CA MET A 154 -0.81 -6.82 -1.30
C MET A 154 -0.15 -5.45 -1.34
N THR A 155 -0.91 -4.46 -1.83
CA THR A 155 -0.44 -3.09 -1.90
C THR A 155 -0.11 -2.56 -0.51
N LEU A 156 -1.01 -2.80 0.44
CA LEU A 156 -0.79 -2.39 1.83
CA LEU A 156 -0.78 -2.39 1.82
C LEU A 156 0.45 -3.08 2.41
N ILE A 157 0.56 -4.38 2.20
CA ILE A 157 1.71 -5.13 2.71
C ILE A 157 3.02 -4.59 2.16
N ASP A 158 3.07 -4.36 0.86
CA ASP A 158 4.28 -3.85 0.24
C ASP A 158 4.62 -2.47 0.83
N ALA A 159 3.61 -1.62 0.96
CA ALA A 159 3.84 -0.26 1.44
C ALA A 159 4.39 -0.25 2.88
N VAL A 160 3.79 -1.07 3.75
CA VAL A 160 4.25 -1.08 5.14
C VAL A 160 5.58 -1.81 5.28
N ALA A 161 5.83 -2.79 4.42
CA ALA A 161 7.09 -3.54 4.50
C ALA A 161 8.32 -2.65 4.33
N ARG A 162 8.16 -1.56 3.59
CA ARG A 162 9.27 -0.63 3.38
C ARG A 162 9.73 0.04 4.67
N PHE A 163 8.89 -0.02 5.70
CA PHE A 163 9.20 0.61 6.98
C PHE A 163 9.82 -0.36 7.98
N ILE A 164 9.80 -1.64 7.66
CA ILE A 164 10.45 -2.64 8.51
C ILE A 164 11.95 -2.50 8.39
N PRO A 165 12.64 -2.32 9.52
CA PRO A 165 14.10 -2.19 9.46
C PRO A 165 14.74 -3.40 8.79
N GLY A 166 15.62 -3.14 7.83
CA GLY A 166 16.36 -4.21 7.16
C GLY A 166 15.79 -4.57 5.80
N VAL A 167 14.56 -4.17 5.55
CA VAL A 167 13.91 -4.50 4.29
C VAL A 167 14.50 -3.69 3.13
N LEU A 168 14.70 -2.39 3.35
CA LEU A 168 15.39 -1.56 2.36
C LEU A 168 16.87 -1.46 2.68
N GLY A 169 17.65 -0.97 1.72
CA GLY A 169 19.08 -0.81 1.91
C GLY A 169 19.44 0.55 2.45
N ASP A 181 9.28 13.71 2.43
CA ASP A 181 8.95 14.97 3.06
C ASP A 181 7.66 15.56 2.50
N GLY A 182 6.88 14.74 1.82
CA GLY A 182 5.56 15.15 1.38
C GLY A 182 5.57 15.74 -0.01
N LEU A 183 6.75 15.72 -0.64
CA LEU A 183 6.89 16.20 -2.01
C LEU A 183 7.05 15.07 -3.02
N LEU A 184 6.68 15.34 -4.26
CA LEU A 184 6.97 14.41 -5.36
C LEU A 184 8.47 14.29 -5.57
N ASP A 185 8.88 13.16 -6.13
CA ASP A 185 10.30 12.88 -6.37
C ASP A 185 10.86 13.80 -7.46
N CYS A 186 12.17 14.01 -7.42
CA CYS A 186 12.85 14.77 -8.47
C CYS A 186 13.15 13.85 -9.65
N PRO A 187 13.46 14.45 -10.82
CA PRO A 187 13.89 13.61 -11.93
C PRO A 187 15.21 12.90 -11.64
N HIS A 188 15.36 11.69 -12.19
CA HIS A 188 16.57 10.90 -12.02
C HIS A 188 17.17 10.61 -13.39
N TYR A 189 18.48 10.52 -13.43
CA TYR A 189 19.17 10.22 -14.68
C TYR A 189 20.27 9.17 -14.49
N THR A 190 20.45 8.34 -15.52
CA THR A 190 21.58 7.42 -15.51
C THR A 190 22.18 7.36 -16.92
N ARG A 191 23.14 6.47 -17.14
CA ARG A 191 23.78 6.38 -18.46
C ARG A 191 22.75 6.10 -19.54
N PRO A 192 22.96 6.62 -20.75
CA PRO A 192 24.09 7.41 -21.25
C PRO A 192 23.95 8.91 -21.03
N GLU A 193 25.05 9.62 -21.20
CA GLU A 193 25.04 11.07 -21.00
C GLU A 193 24.06 11.76 -21.96
N VAL A 194 23.93 11.23 -23.17
CA VAL A 194 22.98 11.79 -24.13
C VAL A 194 22.06 10.69 -24.64
N LEU A 195 20.75 10.93 -24.53
CA LEU A 195 19.75 9.95 -24.93
CA LEU A 195 19.74 9.95 -24.91
C LEU A 195 18.73 10.59 -25.86
N GLU A 196 18.71 10.12 -27.10
CA GLU A 196 17.88 10.72 -28.15
C GLU A 196 17.98 12.24 -28.13
N GLY A 197 19.21 12.74 -28.04
CA GLY A 197 19.45 14.17 -28.10
C GLY A 197 19.28 14.90 -26.78
N LEU A 198 18.78 14.19 -25.77
CA LEU A 198 18.50 14.78 -24.46
C LEU A 198 19.67 14.56 -23.51
N THR A 199 20.19 15.64 -22.96
CA THR A 199 21.36 15.59 -22.10
C THR A 199 21.01 15.55 -20.62
N VAL A 200 21.93 15.05 -19.82
CA VAL A 200 21.80 15.09 -18.36
C VAL A 200 22.07 16.52 -17.88
N PRO A 201 21.24 17.05 -16.97
CA PRO A 201 21.53 18.37 -16.39
C PRO A 201 22.98 18.44 -15.86
N PRO A 202 23.75 19.44 -16.33
CA PRO A 202 25.17 19.55 -15.97
C PRO A 202 25.43 19.53 -14.46
N VAL A 203 24.50 20.05 -13.66
CA VAL A 203 24.73 20.10 -12.22
C VAL A 203 24.94 18.70 -11.65
N LEU A 204 24.25 17.72 -12.20
CA LEU A 204 24.36 16.35 -11.70
C LEU A 204 25.70 15.72 -12.05
N MET A 205 26.45 16.35 -12.96
CA MET A 205 27.77 15.88 -13.36
C MET A 205 28.88 16.64 -12.66
N SER A 206 28.50 17.69 -11.92
CA SER A 206 29.46 18.64 -11.37
C SER A 206 30.24 18.09 -10.17
N GLY A 207 29.67 17.11 -9.49
CA GLY A 207 30.26 16.58 -8.28
C GLY A 207 30.10 17.52 -7.10
N HIS A 208 29.29 18.54 -7.27
CA HIS A 208 29.04 19.51 -6.20
C HIS A 208 27.82 19.07 -5.39
N HIS A 209 28.06 18.40 -4.27
CA HIS A 209 26.98 17.74 -3.54
C HIS A 209 25.91 18.70 -3.06
N GLU A 210 26.30 19.88 -2.59
CA GLU A 210 25.32 20.85 -2.11
C GLU A 210 24.47 21.42 -3.24
N GLU A 211 25.12 21.73 -4.37
CA GLU A 211 24.39 22.22 -5.54
C GLU A 211 23.43 21.15 -6.05
N ILE A 212 23.87 19.89 -5.99
CA ILE A 212 23.02 18.79 -6.43
C ILE A 212 21.82 18.63 -5.50
N ARG A 213 22.07 18.69 -4.20
CA ARG A 213 20.98 18.59 -3.23
C ARG A 213 19.94 19.68 -3.46
N LYS A 214 20.39 20.92 -3.63
CA LYS A 214 19.46 22.02 -3.82
C LYS A 214 18.71 21.90 -5.14
N TRP A 215 19.39 21.44 -6.20
CA TRP A 215 18.72 21.22 -7.47
C TRP A 215 17.59 20.20 -7.35
N ARG A 216 17.88 19.07 -6.71
CA ARG A 216 16.89 18.02 -6.53
C ARG A 216 15.69 18.52 -5.73
N LEU A 217 15.96 19.29 -4.69
CA LEU A 217 14.90 19.81 -3.84
C LEU A 217 14.04 20.79 -4.61
N LYS A 218 14.69 21.67 -5.36
CA LYS A 218 13.97 22.64 -6.18
C LYS A 218 13.10 21.96 -7.23
N GLN A 219 13.66 20.91 -7.84
CA GLN A 219 12.88 20.14 -8.81
C GLN A 219 11.67 19.48 -8.17
N SER A 220 11.87 18.92 -6.96
CA SER A 220 10.74 18.32 -6.24
CA SER A 220 10.76 18.33 -6.21
C SER A 220 9.67 19.35 -5.92
N LEU A 221 10.09 20.54 -5.46
CA LEU A 221 9.13 21.58 -5.17
C LEU A 221 8.40 22.01 -6.43
N GLN A 222 9.13 22.17 -7.51
CA GLN A 222 8.53 22.60 -8.78
C GLN A 222 7.53 21.58 -9.30
N ARG A 223 7.91 20.31 -9.26
CA ARG A 223 7.04 19.24 -9.77
CA ARG A 223 7.05 19.25 -9.78
C ARG A 223 5.79 19.10 -8.92
N THR A 224 5.95 19.27 -7.60
CA THR A 224 4.79 19.19 -6.72
C THR A 224 3.85 20.36 -7.00
N TRP A 225 4.41 21.55 -7.16
CA TRP A 225 3.62 22.74 -7.47
C TRP A 225 2.84 22.59 -8.78
N LEU A 226 3.51 22.09 -9.81
CA LEU A 226 2.88 22.00 -11.13
C LEU A 226 1.85 20.87 -11.23
N ARG A 227 2.14 19.73 -10.61
CA ARG A 227 1.31 18.55 -10.78
C ARG A 227 0.31 18.34 -9.66
N ARG A 228 0.73 18.67 -8.43
CA ARG A 228 -0.06 18.37 -7.25
C ARG A 228 -0.04 19.52 -6.25
N PRO A 229 -0.51 20.71 -6.68
CA PRO A 229 -0.36 21.91 -5.83
C PRO A 229 -1.03 21.78 -4.47
N GLU A 230 -2.07 20.97 -4.38
CA GLU A 230 -2.78 20.80 -3.11
C GLU A 230 -1.88 20.17 -2.06
N LEU A 231 -0.93 19.35 -2.50
CA LEU A 231 0.01 18.72 -1.56
C LEU A 231 0.88 19.76 -0.85
N LEU A 232 1.20 20.85 -1.55
CA LEU A 232 2.00 21.92 -0.96
C LEU A 232 1.27 22.63 0.17
N GLU A 233 -0.04 22.77 0.04
CA GLU A 233 -0.84 23.46 1.04
C GLU A 233 -0.80 22.76 2.39
N GLY A 234 -0.43 21.48 2.39
CA GLY A 234 -0.43 20.69 3.60
C GLY A 234 0.91 20.69 4.30
N LEU A 235 1.86 21.42 3.72
CA LEU A 235 3.22 21.46 4.24
C LEU A 235 3.56 22.80 4.85
N ALA A 236 4.43 22.76 5.85
CA ALA A 236 5.05 23.95 6.41
C ALA A 236 6.47 24.00 5.83
N LEU A 237 6.62 24.71 4.73
CA LEU A 237 7.91 24.76 4.05
C LEU A 237 8.99 25.42 4.91
N THR A 238 10.20 24.87 4.84
CA THR A 238 11.35 25.49 5.47
C THR A 238 11.71 26.77 4.71
N ASP A 239 12.53 27.63 5.32
CA ASP A 239 13.02 28.83 4.65
C ASP A 239 13.64 28.48 3.30
N GLU A 240 14.46 27.43 3.28
CA GLU A 240 15.14 27.03 2.06
C GLU A 240 14.13 26.59 1.00
N GLN A 241 13.15 25.79 1.42
CA GLN A 241 12.12 25.32 0.48
C GLN A 241 11.30 26.48 -0.06
N ARG A 242 10.98 27.45 0.79
CA ARG A 242 10.26 28.64 0.32
C ARG A 242 11.06 29.37 -0.75
N LYS A 243 12.36 29.54 -0.52
CA LYS A 243 13.23 30.23 -1.47
C LYS A 243 13.29 29.48 -2.80
N LEU A 244 13.52 28.17 -2.73
CA LEU A 244 13.70 27.39 -3.97
C LEU A 244 12.39 27.31 -4.76
N LEU A 245 11.27 27.21 -4.05
CA LEU A 245 9.97 27.21 -4.72
C LEU A 245 9.71 28.55 -5.42
N LYS A 246 10.02 29.65 -4.75
CA LYS A 246 9.88 30.98 -5.35
C LYS A 246 10.75 31.10 -6.60
N GLU A 247 11.98 30.58 -6.52
CA GLU A 247 12.86 30.60 -7.69
C GLU A 247 12.25 29.83 -8.83
N ALA A 248 11.73 28.64 -8.53
CA ALA A 248 11.15 27.79 -9.57
C ALA A 248 9.93 28.43 -10.20
N GLN A 249 9.11 29.07 -9.39
CA GLN A 249 7.92 29.74 -9.88
C GLN A 249 8.28 30.95 -10.74
N ALA A 250 9.31 31.70 -10.33
CA ALA A 250 9.78 32.84 -11.11
C ALA A 250 10.31 32.39 -12.47
N GLU A 251 11.00 31.26 -12.50
CA GLU A 251 11.57 30.77 -13.76
C GLU A 251 10.47 30.26 -14.68
N HIS A 252 9.47 29.63 -14.09
CA HIS A 252 8.33 29.13 -14.84
C HIS A 252 7.60 30.29 -15.53
N ASN A 253 7.49 31.40 -14.82
CA ASN A 253 6.88 32.61 -15.36
C ASN A 253 7.89 33.40 -16.19
N SER A 254 9.00 32.76 -16.50
CA SER A 254 10.08 33.35 -17.30
CA SER A 254 10.07 33.35 -17.31
C SER A 254 10.61 34.63 -16.67
C2 4GN B . -10.83 -2.71 -2.14
C3 4GN B . -11.54 -3.86 -2.44
C11 4GN B . -11.36 -1.84 -4.31
C1 4GN B . -10.75 -1.69 -3.08
C4 4GN B . -12.16 -3.93 -3.74
C 4GN B . -10.05 -0.48 -2.68
C5 4GN B . -13.27 -6.12 -3.36
N2 4GN B . -12.05 -2.91 -4.67
N 4GN B . -10.20 0.65 -3.48
N1 4GN B . -12.96 -4.95 -4.19
O 4GN B . -9.32 -0.42 -1.69
C8 4GN B . -16.69 -5.94 -3.28
C8 4GN B . -16.48 -4.99 -1.78
C9 4GN B . -16.20 -7.20 -2.67
C9 4GN B . -16.98 -5.48 -3.14
C7 4GN B . -15.47 -5.04 -3.39
C7 4GN B . -14.97 -5.20 -1.75
C10 4GN B . -15.09 -6.82 -1.76
C10 4GN B . -15.74 -5.91 -3.93
C6 4GN B . -14.41 -5.66 -2.48
C6 4GN B . -14.70 -6.21 -2.86
#